data_4AXD
#
_entry.id   4AXD
#
_cell.length_a   100.230
_cell.length_b   71.800
_cell.length_c   63.060
_cell.angle_alpha   90.00
_cell.angle_beta   90.00
_cell.angle_gamma   90.00
#
_symmetry.space_group_name_H-M   'P 21 21 2'
#
loop_
_entity.id
_entity.type
_entity.pdbx_description
1 polymer 'INOSITOL-PENTAKISPHOSPHATE 2-KINASE'
2 non-polymer 'PHOSPHOAMINOPHOSPHONIC ACID-ADENYLATE ESTER'
3 non-polymer 'ZINC ION'
4 non-polymer 'SULFATE ION'
5 non-polymer 'CITRIC ACID'
6 water water
#
_entity_poly.entity_id   1
_entity_poly.type   'polypeptide(L)'
_entity_poly.pdbx_seq_one_letter_code
;GEFELMEMILEEKDASDWIYRGEGGANLVLAYAGSSPLFVGKVIRIQKARRNDKAIKNSNGVVSVLTSDEQHLWRENNEL
ISSPNKEVLEQRYVQNVIIPLLGPKHVDAGVRVSVSKEFLECVDKKVTKQRPLARVNAANVDTSHDSALILNDHSLFSQG
ITSGGDCISVEIKPKCGFLPTSRFIGKENMLKTSVSRFKMHQLLKLEYIEISEESEYDPLDLFSGSKERVLEAIKALYST
PQNNFRVFLNGSLILGGSGESTGRTSPEIGYAFEDALKGFIQSEDGHRTECFLQLVSDAVYGSGVLDRLLEIQKLDKLDI
EGAIHCYYDIINQPCPICREGRPLEAELSLHALPLDESLKIVKEYLIAATAKDCSIMISFQSRNAWDSEPSGDYVSLKPT
NQTFDYKVHFIDLSLKPLKRMESYYKLDKKIISFYNRKQKAENTAEQIGNSKPSHS
;
_entity_poly.pdbx_strand_id   A
#
# COMPACT_ATOMS: atom_id res chain seq x y z
N MET A 6 16.01 20.68 -20.43
CA MET A 6 16.53 21.32 -19.21
C MET A 6 15.72 20.94 -17.99
N GLU A 7 16.38 20.30 -17.03
CA GLU A 7 16.01 20.40 -15.62
C GLU A 7 17.20 20.00 -14.76
N MET A 8 17.49 18.70 -14.68
CA MET A 8 18.52 18.24 -13.75
C MET A 8 18.79 16.74 -13.73
N ILE A 9 19.96 16.38 -13.23
CA ILE A 9 20.29 14.98 -12.98
C ILE A 9 20.89 14.87 -11.58
N LEU A 10 20.37 13.91 -10.81
CA LEU A 10 20.98 13.58 -9.52
C LEU A 10 22.28 12.83 -9.78
N GLU A 11 23.37 13.38 -9.26
CA GLU A 11 24.69 12.82 -9.44
C GLU A 11 25.28 12.33 -8.13
N GLU A 12 26.44 11.70 -8.22
CA GLU A 12 27.13 11.15 -7.06
C GLU A 12 27.19 12.16 -5.92
N LYS A 13 27.42 13.44 -6.27
CA LYS A 13 27.56 14.52 -5.29
C LYS A 13 26.24 14.83 -4.56
N ASP A 14 25.11 14.49 -5.17
CA ASP A 14 23.79 14.72 -4.56
C ASP A 14 23.38 13.65 -3.57
N ALA A 15 24.03 12.49 -3.61
CA ALA A 15 23.67 11.38 -2.71
C ALA A 15 23.66 11.80 -1.24
N SER A 16 24.56 12.70 -0.85
CA SER A 16 24.68 13.10 0.55
C SER A 16 23.47 13.86 1.09
N ASP A 17 22.63 14.37 0.18
CA ASP A 17 21.41 15.11 0.53
C ASP A 17 20.17 14.22 0.81
N TRP A 18 20.33 12.90 0.77
CA TRP A 18 19.20 11.98 0.86
C TRP A 18 19.47 10.96 1.91
N ILE A 19 18.49 10.72 2.78
CA ILE A 19 18.65 9.74 3.84
C ILE A 19 17.55 8.67 3.82
N TYR A 20 17.93 7.44 4.17
CA TYR A 20 17.00 6.30 4.20
C TYR A 20 15.73 6.67 4.97
N ARG A 21 14.58 6.36 4.38
CA ARG A 21 13.29 6.50 5.08
C ARG A 21 12.62 5.15 5.29
N GLY A 22 12.56 4.35 4.22
CA GLY A 22 11.93 3.03 4.27
C GLY A 22 11.98 2.31 2.95
N GLU A 23 11.28 1.19 2.88
CA GLU A 23 11.29 0.35 1.72
C GLU A 23 10.17 -0.66 1.80
N GLY A 24 9.78 -1.18 0.63
CA GLY A 24 8.93 -2.36 0.56
C GLY A 24 9.56 -3.32 -0.44
N GLY A 25 8.75 -4.24 -0.97
CA GLY A 25 9.24 -5.22 -1.94
C GLY A 25 9.77 -4.71 -3.28
N ALA A 26 9.31 -3.56 -3.74
CA ALA A 26 9.71 -3.05 -5.06
C ALA A 26 10.63 -1.82 -5.04
N ASN A 27 10.52 -1.00 -3.99
CA ASN A 27 11.19 0.31 -3.94
C ASN A 27 11.93 0.63 -2.64
N LEU A 28 13.00 1.42 -2.78
CA LEU A 28 13.63 2.13 -1.68
C LEU A 28 13.14 3.57 -1.64
N VAL A 29 12.90 4.10 -0.45
CA VAL A 29 12.44 5.47 -0.30
C VAL A 29 13.43 6.23 0.59
N LEU A 30 13.86 7.36 0.10
CA LEU A 30 14.73 8.26 0.84
C LEU A 30 14.16 9.68 0.98
N ALA A 31 14.36 10.28 2.16
CA ALA A 31 13.87 11.64 2.38
C ALA A 31 14.97 12.65 2.07
N TYR A 32 14.58 13.81 1.57
CA TYR A 32 15.53 14.88 1.33
C TYR A 32 16.01 15.50 2.64
N ALA A 33 17.30 15.77 2.73
CA ALA A 33 17.91 16.28 3.96
C ALA A 33 18.85 17.45 3.64
N GLY A 34 18.89 17.82 2.37
CA GLY A 34 19.67 18.96 1.93
C GLY A 34 18.96 20.28 2.16
N SER A 35 19.39 21.29 1.42
CA SER A 35 18.98 22.67 1.69
C SER A 35 18.13 23.27 0.58
N SER A 36 18.16 22.68 -0.60
CA SER A 36 17.48 23.26 -1.77
C SER A 36 15.96 23.28 -1.61
N PRO A 37 15.35 24.47 -1.77
CA PRO A 37 13.88 24.60 -1.71
C PRO A 37 13.14 23.77 -2.77
N LEU A 38 13.83 23.34 -3.83
CA LEU A 38 13.23 22.42 -4.81
C LEU A 38 12.92 21.04 -4.22
N PHE A 39 13.60 20.68 -3.14
CA PHE A 39 13.55 19.29 -2.64
C PHE A 39 13.10 19.16 -1.18
N VAL A 40 13.14 20.26 -0.44
CA VAL A 40 12.73 20.22 0.97
C VAL A 40 11.31 19.68 1.03
N GLY A 41 11.09 18.69 1.89
CA GLY A 41 9.80 18.06 2.06
C GLY A 41 9.40 17.10 0.95
N LYS A 42 10.39 16.65 0.17
CA LYS A 42 10.18 15.59 -0.83
C LYS A 42 10.87 14.31 -0.46
N VAL A 43 10.42 13.21 -1.05
CA VAL A 43 11.12 11.93 -0.95
C VAL A 43 11.46 11.47 -2.35
N ILE A 44 12.40 10.55 -2.45
CA ILE A 44 12.72 9.93 -3.73
C ILE A 44 12.43 8.44 -3.64
N ARG A 45 11.76 7.93 -4.66
CA ARG A 45 11.42 6.52 -4.73
C ARG A 45 12.26 5.89 -5.83
N ILE A 46 13.00 4.83 -5.45
CA ILE A 46 13.99 4.22 -6.34
C ILE A 46 13.72 2.71 -6.43
N GLN A 47 13.60 2.20 -7.65
CA GLN A 47 13.28 0.79 -7.83
C GLN A 47 14.42 -0.14 -7.45
N LYS A 48 14.10 -1.19 -6.69
CA LYS A 48 15.03 -2.26 -6.34
C LYS A 48 15.27 -3.15 -7.55
N ALA A 49 16.45 -3.78 -7.61
CA ALA A 49 16.68 -4.84 -8.59
C ALA A 49 16.02 -6.12 -8.09
N ARG A 50 15.20 -6.76 -8.92
CA ARG A 50 14.79 -8.13 -8.56
C ARG A 50 14.85 -9.17 -9.68
N ARG A 51 15.79 -10.09 -9.56
CA ARG A 51 15.60 -11.41 -10.14
C ARG A 51 14.98 -12.24 -9.02
N ASN A 52 14.64 -13.49 -9.30
CA ASN A 52 13.87 -14.32 -8.37
C ASN A 52 12.36 -14.04 -8.45
N ASP A 53 11.95 -13.16 -9.36
CA ASP A 53 10.54 -12.81 -9.52
C ASP A 53 10.07 -13.23 -10.92
N LYS A 54 9.42 -14.38 -10.99
CA LYS A 54 9.00 -14.97 -12.27
C LYS A 54 7.92 -14.18 -13.03
N ALA A 55 7.06 -13.46 -12.29
CA ALA A 55 5.93 -12.75 -12.90
C ALA A 55 6.36 -11.57 -13.81
N ILE A 56 7.53 -11.00 -13.52
CA ILE A 56 8.03 -9.85 -14.29
C ILE A 56 8.94 -10.24 -15.46
N LYS A 57 9.21 -11.54 -15.61
CA LYS A 57 9.97 -12.05 -16.75
C LYS A 57 9.05 -12.45 -17.89
N ASN A 58 9.55 -12.33 -19.12
CA ASN A 58 8.82 -12.82 -20.29
C ASN A 58 9.20 -14.27 -20.57
N SER A 59 8.68 -14.83 -21.67
CA SER A 59 9.00 -16.21 -22.11
C SER A 59 10.49 -16.47 -22.42
N ASN A 60 11.28 -15.40 -22.53
CA ASN A 60 12.72 -15.47 -22.77
C ASN A 60 13.55 -15.16 -21.51
N GLY A 61 12.87 -14.95 -20.38
CA GLY A 61 13.55 -14.56 -19.14
C GLY A 61 14.02 -13.11 -19.11
N VAL A 62 13.53 -12.29 -20.03
CA VAL A 62 13.87 -10.86 -20.05
C VAL A 62 12.82 -10.06 -19.28
N VAL A 63 13.29 -9.19 -18.38
CA VAL A 63 12.39 -8.33 -17.62
C VAL A 63 11.97 -7.12 -18.46
N SER A 64 10.86 -7.30 -19.18
CA SER A 64 10.37 -6.28 -20.10
C SER A 64 9.40 -5.33 -19.43
N VAL A 65 9.24 -4.14 -19.98
CA VAL A 65 8.34 -3.14 -19.39
C VAL A 65 6.94 -3.74 -19.25
N LEU A 66 6.43 -4.28 -20.36
CA LEU A 66 5.18 -5.01 -20.39
C LEU A 66 5.34 -6.20 -21.33
N THR A 67 4.77 -7.35 -20.96
CA THR A 67 4.75 -8.50 -21.86
C THR A 67 3.77 -8.21 -22.99
N SER A 68 3.87 -8.99 -24.06
CA SER A 68 2.92 -8.88 -25.16
C SER A 68 1.48 -9.08 -24.66
N ASP A 69 1.28 -10.04 -23.75
CA ASP A 69 -0.04 -10.29 -23.16
C ASP A 69 -0.55 -9.10 -22.36
N GLU A 70 0.34 -8.43 -21.65
CA GLU A 70 0.01 -7.24 -20.88
C GLU A 70 -0.34 -6.06 -21.79
N GLN A 71 0.42 -5.91 -22.87
CA GLN A 71 0.20 -4.82 -23.83
C GLN A 71 -1.20 -4.95 -24.37
N HIS A 72 -1.58 -6.19 -24.68
CA HIS A 72 -2.91 -6.48 -25.17
C HIS A 72 -3.96 -6.18 -24.14
N LEU A 73 -3.73 -6.57 -22.88
CA LEU A 73 -4.69 -6.31 -21.79
C LEU A 73 -4.92 -4.82 -21.52
N TRP A 74 -3.84 -4.05 -21.53
CA TRP A 74 -3.89 -2.62 -21.20
C TRP A 74 -4.02 -1.72 -22.41
N ARG A 75 -4.34 -2.32 -23.55
CA ARG A 75 -4.44 -1.63 -24.84
C ARG A 75 -5.25 -0.33 -24.86
N GLU A 76 -6.22 -0.20 -23.95
CA GLU A 76 -7.09 0.97 -23.89
C GLU A 76 -6.35 2.29 -23.67
N ASN A 77 -5.32 2.27 -22.84
CA ASN A 77 -4.45 3.44 -22.70
C ASN A 77 -3.18 3.20 -23.50
N ASN A 78 -3.13 3.77 -24.70
CA ASN A 78 -1.97 3.63 -25.56
C ASN A 78 -0.72 4.20 -24.90
N GLU A 79 -0.88 5.33 -24.22
CA GLU A 79 0.16 5.96 -23.41
C GLU A 79 0.82 4.93 -22.49
N LEU A 80 -0.01 4.23 -21.71
CA LEU A 80 0.46 3.24 -20.74
C LEU A 80 1.32 2.18 -21.42
N ILE A 81 0.77 1.52 -22.45
CA ILE A 81 1.49 0.41 -23.08
C ILE A 81 2.74 0.84 -23.87
N SER A 82 2.84 2.13 -24.18
CA SER A 82 4.03 2.69 -24.86
C SER A 82 5.14 3.13 -23.92
N SER A 83 4.97 2.90 -22.62
CA SER A 83 5.97 3.32 -21.64
C SER A 83 7.32 2.67 -21.97
N PRO A 84 8.38 3.48 -22.16
CA PRO A 84 9.71 2.97 -22.51
C PRO A 84 10.46 2.32 -21.33
N ASN A 85 10.00 2.56 -20.11
CA ASN A 85 10.61 1.94 -18.94
C ASN A 85 9.62 1.84 -17.79
N LYS A 86 10.03 1.19 -16.71
CA LYS A 86 9.13 0.90 -15.59
C LYS A 86 8.71 2.12 -14.76
N GLU A 87 9.61 3.10 -14.65
CA GLU A 87 9.31 4.36 -13.96
C GLU A 87 8.20 5.13 -14.68
N VAL A 88 8.29 5.21 -16.00
CA VAL A 88 7.24 5.82 -16.82
C VAL A 88 5.94 5.01 -16.74
N LEU A 89 6.06 3.69 -16.85
CA LEU A 89 4.92 2.78 -16.75
C LEU A 89 4.12 3.02 -15.47
N GLU A 90 4.82 3.03 -14.33
CA GLU A 90 4.15 3.17 -13.05
C GLU A 90 3.55 4.56 -12.88
N GLN A 91 4.26 5.58 -13.33
CA GLN A 91 3.71 6.94 -13.32
C GLN A 91 2.44 7.08 -14.19
N ARG A 92 2.45 6.50 -15.38
CA ARG A 92 1.30 6.61 -16.27
C ARG A 92 0.12 5.77 -15.79
N TYR A 93 0.42 4.65 -15.14
CA TYR A 93 -0.64 3.83 -14.55
C TYR A 93 -1.38 4.62 -13.47
N VAL A 94 -0.62 5.28 -12.60
CA VAL A 94 -1.20 6.12 -11.54
C VAL A 94 -1.99 7.28 -12.16
N GLN A 95 -1.35 8.01 -13.06
CA GLN A 95 -2.00 9.18 -13.68
C GLN A 95 -3.24 8.83 -14.51
N ASN A 96 -3.16 7.78 -15.32
CA ASN A 96 -4.17 7.48 -16.35
C ASN A 96 -5.20 6.42 -15.96
N VAL A 97 -4.86 5.58 -15.00
CA VAL A 97 -5.78 4.53 -14.59
C VAL A 97 -6.31 4.78 -13.16
N ILE A 98 -5.43 5.11 -12.23
CA ILE A 98 -5.82 5.19 -10.81
C ILE A 98 -6.46 6.52 -10.42
N ILE A 99 -5.87 7.62 -10.90
CA ILE A 99 -6.34 8.95 -10.53
C ILE A 99 -7.80 9.19 -10.99
N PRO A 100 -8.17 8.71 -12.19
CA PRO A 100 -9.59 8.81 -12.52
C PRO A 100 -10.52 8.06 -11.56
N LEU A 101 -9.98 7.10 -10.82
CA LEU A 101 -10.77 6.30 -9.89
C LEU A 101 -10.75 6.83 -8.45
N LEU A 102 -9.60 7.34 -8.01
CA LEU A 102 -9.42 7.84 -6.64
C LEU A 102 -9.36 9.36 -6.52
N GLY A 103 -9.24 10.03 -7.66
CA GLY A 103 -9.16 11.48 -7.70
C GLY A 103 -7.77 12.02 -7.49
N PRO A 104 -7.50 13.24 -7.99
CA PRO A 104 -6.19 13.86 -7.90
C PRO A 104 -5.86 14.40 -6.50
N LYS A 105 -6.86 14.71 -5.69
CA LYS A 105 -6.64 15.32 -4.37
C LYS A 105 -5.82 14.42 -3.44
N HIS A 106 -6.07 13.10 -3.52
CA HIS A 106 -5.44 12.15 -2.60
C HIS A 106 -4.38 11.28 -3.24
N VAL A 107 -4.00 11.60 -4.47
CA VAL A 107 -3.04 10.80 -5.21
C VAL A 107 -2.00 11.70 -5.86
N ASP A 108 -0.73 11.52 -5.50
CA ASP A 108 0.39 12.25 -6.09
C ASP A 108 1.15 11.26 -6.98
N ALA A 109 1.12 11.48 -8.29
CA ALA A 109 1.85 10.64 -9.24
C ALA A 109 3.36 10.94 -9.26
N GLY A 110 3.77 12.02 -8.60
CA GLY A 110 5.18 12.38 -8.53
C GLY A 110 5.78 12.92 -9.82
N VAL A 111 7.08 13.19 -9.79
CA VAL A 111 7.78 13.75 -10.94
C VAL A 111 9.06 12.93 -11.21
N ARG A 112 9.22 12.51 -12.45
CA ARG A 112 10.38 11.71 -12.83
C ARG A 112 11.62 12.58 -12.85
N VAL A 113 12.72 12.07 -12.30
CA VAL A 113 13.99 12.80 -12.30
C VAL A 113 15.08 11.89 -12.90
N SER A 114 15.96 12.46 -13.72
CA SER A 114 17.07 11.68 -14.23
C SER A 114 18.07 11.44 -13.11
N VAL A 115 18.67 10.25 -13.11
CA VAL A 115 19.69 9.87 -12.13
C VAL A 115 20.88 9.27 -12.84
N SER A 116 22.09 9.57 -12.39
CA SER A 116 23.28 8.93 -12.94
C SER A 116 23.48 7.56 -12.31
N LYS A 117 24.19 6.68 -13.03
CA LYS A 117 24.56 5.37 -12.50
C LYS A 117 25.31 5.55 -11.18
N GLU A 118 26.24 6.50 -11.12
CA GLU A 118 27.04 6.70 -9.92
C GLU A 118 26.21 7.24 -8.75
N PHE A 119 25.19 8.07 -9.02
CA PHE A 119 24.25 8.45 -7.95
C PHE A 119 23.64 7.20 -7.33
N LEU A 120 23.15 6.31 -8.18
CA LEU A 120 22.48 5.09 -7.71
C LEU A 120 23.43 4.13 -6.97
N GLU A 121 24.65 3.99 -7.49
CA GLU A 121 25.67 3.16 -6.81
C GLU A 121 26.04 3.75 -5.46
N CYS A 122 26.06 5.07 -5.39
CA CYS A 122 26.29 5.78 -4.13
C CYS A 122 25.13 5.55 -3.14
N VAL A 123 23.90 5.64 -3.65
CA VAL A 123 22.70 5.33 -2.84
C VAL A 123 22.70 3.88 -2.34
N ASP A 124 23.07 2.94 -3.23
CA ASP A 124 23.20 1.53 -2.86
C ASP A 124 24.01 1.42 -1.56
N LYS A 125 25.19 2.05 -1.58
CA LYS A 125 26.11 2.00 -0.46
C LYS A 125 25.55 2.69 0.79
N LYS A 126 24.91 3.83 0.59
CA LYS A 126 24.24 4.51 1.69
C LYS A 126 23.12 3.67 2.32
N VAL A 127 22.27 3.02 1.51
CA VAL A 127 21.17 2.28 2.12
C VAL A 127 21.70 1.07 2.89
N THR A 128 22.77 0.44 2.40
CA THR A 128 23.47 -0.61 3.14
C THR A 128 23.93 -0.13 4.53
N LYS A 129 24.52 1.06 4.60
CA LYS A 129 24.91 1.60 5.91
C LYS A 129 23.70 1.98 6.78
N GLN A 130 22.67 2.56 6.18
CA GLN A 130 21.57 3.14 6.96
C GLN A 130 20.40 2.19 7.26
N ARG A 131 20.27 1.09 6.51
CA ARG A 131 19.22 0.11 6.77
C ARG A 131 19.26 -0.45 8.18
N PRO A 132 18.09 -0.82 8.72
CA PRO A 132 18.07 -1.66 9.91
C PRO A 132 18.79 -2.96 9.58
N LEU A 133 19.46 -3.56 10.57
CA LEU A 133 20.19 -4.82 10.33
C LEU A 133 19.32 -5.88 9.68
N ALA A 134 18.06 -5.94 10.10
CA ALA A 134 17.12 -6.94 9.57
C ALA A 134 16.99 -6.93 8.05
N ARG A 135 17.25 -5.78 7.43
CA ARG A 135 17.04 -5.58 5.98
C ARG A 135 18.34 -5.52 5.16
N VAL A 136 19.47 -5.76 5.79
CA VAL A 136 20.77 -5.61 5.10
C VAL A 136 20.98 -6.49 3.85
N ASN A 137 20.33 -7.65 3.80
CA ASN A 137 20.49 -8.55 2.65
C ASN A 137 19.34 -8.45 1.65
N ALA A 138 18.38 -7.57 1.91
CA ALA A 138 17.30 -7.30 0.97
C ALA A 138 17.86 -6.71 -0.33
N ALA A 139 17.10 -6.87 -1.42
CA ALA A 139 17.48 -6.33 -2.71
C ALA A 139 17.73 -4.83 -2.58
N ASN A 140 18.77 -4.36 -3.26
CA ASN A 140 19.13 -2.95 -3.23
C ASN A 140 18.72 -2.26 -4.54
N VAL A 141 19.14 -1.01 -4.72
N VAL A 141 19.16 -1.02 -4.73
CA VAL A 141 18.74 -0.23 -5.90
CA VAL A 141 18.89 -0.19 -5.91
C VAL A 141 19.16 -0.88 -7.22
C VAL A 141 19.21 -0.87 -7.25
N ASP A 142 18.28 -0.77 -8.22
CA ASP A 142 18.59 -1.23 -9.56
C ASP A 142 19.39 -0.15 -10.29
N THR A 143 20.70 -0.34 -10.37
CA THR A 143 21.60 0.68 -10.90
C THR A 143 21.56 0.80 -12.43
N SER A 144 20.76 -0.03 -13.09
CA SER A 144 20.58 0.02 -14.54
C SER A 144 19.45 0.97 -14.99
N HIS A 145 18.71 1.50 -14.02
CA HIS A 145 17.63 2.44 -14.34
C HIS A 145 18.21 3.80 -14.45
N ASP A 146 17.61 4.66 -15.25
CA ASP A 146 18.16 6.02 -15.33
C ASP A 146 17.19 7.12 -14.93
N SER A 147 16.07 6.74 -14.33
CA SER A 147 15.14 7.70 -13.73
C SER A 147 14.73 7.20 -12.38
N ALA A 148 14.25 8.12 -11.55
CA ALA A 148 13.65 7.81 -10.28
C ALA A 148 12.44 8.75 -10.12
N LEU A 149 11.67 8.56 -9.05
CA LEU A 149 10.45 9.32 -8.85
C LEU A 149 10.59 10.20 -7.63
N ILE A 150 10.34 11.50 -7.80
CA ILE A 150 10.25 12.46 -6.71
C ILE A 150 8.77 12.72 -6.33
N LEU A 151 8.47 12.53 -5.05
CA LEU A 151 7.12 12.66 -4.52
C LEU A 151 7.16 13.57 -3.29
N ASN A 152 6.07 14.27 -3.01
CA ASN A 152 5.94 14.94 -1.73
C ASN A 152 6.01 13.94 -0.60
N ASP A 153 6.63 14.34 0.50
CA ASP A 153 6.76 13.53 1.69
C ASP A 153 5.43 13.60 2.46
N HIS A 154 4.65 12.54 2.39
CA HIS A 154 3.34 12.53 3.05
C HIS A 154 3.40 12.22 4.52
N SER A 155 4.61 12.09 5.06
CA SER A 155 4.77 12.06 6.50
C SER A 155 4.71 13.48 7.05
N LEU A 156 4.80 14.45 6.13
CA LEU A 156 4.76 15.87 6.47
C LEU A 156 3.49 16.50 5.91
N PHE A 157 2.89 17.41 6.67
CA PHE A 157 1.74 18.19 6.20
C PHE A 157 2.23 19.29 5.26
N SER A 158 3.29 19.98 5.68
CA SER A 158 3.90 21.03 4.88
C SER A 158 5.40 20.78 4.83
N GLN A 159 6.11 21.45 3.92
CA GLN A 159 7.55 21.23 3.75
C GLN A 159 8.36 21.44 5.03
N GLY A 160 8.00 22.47 5.80
CA GLY A 160 8.69 22.80 7.04
C GLY A 160 7.82 22.66 8.28
N ILE A 161 8.43 22.82 9.44
CA ILE A 161 7.70 22.81 10.72
C ILE A 161 6.92 24.13 10.90
N THR A 162 5.63 24.02 11.22
CA THR A 162 4.86 25.17 11.67
C THR A 162 4.91 25.26 13.19
N SER A 163 4.59 26.44 13.71
CA SER A 163 4.67 26.73 15.14
C SER A 163 3.58 26.04 15.96
N GLY A 164 2.53 25.57 15.29
CA GLY A 164 1.40 24.89 15.96
C GLY A 164 1.82 23.68 16.78
N GLY A 165 2.71 22.86 16.21
CA GLY A 165 3.23 21.68 16.88
C GLY A 165 4.04 20.84 15.90
N ASP A 166 4.45 19.66 16.34
CA ASP A 166 5.09 18.67 15.46
C ASP A 166 4.12 18.10 14.45
N CYS A 167 4.61 17.69 13.28
CA CYS A 167 3.77 16.94 12.36
C CYS A 167 3.77 15.47 12.71
N ILE A 168 2.58 14.94 12.95
CA ILE A 168 2.39 13.52 13.19
C ILE A 168 1.64 12.97 12.00
N SER A 169 2.19 11.91 11.44
CA SER A 169 1.65 11.26 10.27
C SER A 169 1.40 9.78 10.58
N VAL A 170 0.26 9.27 10.11
CA VAL A 170 -0.09 7.89 10.33
C VAL A 170 -0.18 7.20 8.98
N GLU A 171 0.42 6.01 8.88
CA GLU A 171 0.37 5.18 7.68
C GLU A 171 -0.38 3.86 7.94
N ILE A 172 -1.43 3.61 7.16
CA ILE A 172 -2.25 2.41 7.31
C ILE A 172 -2.22 1.58 6.04
N LYS A 173 -1.91 0.28 6.19
CA LYS A 173 -2.08 -0.69 5.08
C LYS A 173 -3.36 -1.44 5.38
N PRO A 174 -4.47 -0.99 4.77
CA PRO A 174 -5.79 -1.46 5.26
C PRO A 174 -6.18 -2.87 4.82
N LYS A 175 -5.57 -3.36 3.74
CA LYS A 175 -5.95 -4.63 3.12
C LYS A 175 -7.38 -4.60 2.60
N CYS A 176 -7.94 -5.78 2.32
CA CYS A 176 -9.22 -5.86 1.61
C CYS A 176 -10.41 -5.72 2.57
N GLY A 177 -11.32 -4.81 2.24
CA GLY A 177 -12.43 -4.47 3.13
C GLY A 177 -13.79 -5.10 2.89
N PHE A 178 -13.85 -6.16 2.08
CA PHE A 178 -15.13 -6.78 1.78
C PHE A 178 -14.97 -8.28 1.61
N LEU A 179 -16.10 -8.97 1.50
CA LEU A 179 -16.14 -10.41 1.35
C LEU A 179 -16.74 -10.73 -0.02
N PRO A 180 -16.16 -11.72 -0.72
CA PRO A 180 -16.71 -12.10 -2.03
C PRO A 180 -18.09 -12.75 -1.89
N THR A 181 -18.90 -12.66 -2.94
CA THR A 181 -20.15 -13.44 -3.02
C THR A 181 -19.80 -14.89 -3.30
N SER A 182 -20.79 -15.77 -3.14
CA SER A 182 -20.64 -17.20 -3.38
C SER A 182 -20.69 -17.57 -4.85
N ARG A 183 -20.91 -16.60 -5.73
CA ARG A 183 -21.22 -16.91 -7.13
C ARG A 183 -20.19 -17.79 -7.86
N PHE A 184 -18.89 -17.57 -7.66
CA PHE A 184 -17.88 -18.40 -8.32
C PHE A 184 -17.00 -19.16 -7.35
N ILE A 185 -17.53 -19.36 -6.14
CA ILE A 185 -16.79 -20.05 -5.10
C ILE A 185 -17.38 -21.45 -4.90
N GLY A 186 -16.50 -22.46 -4.86
CA GLY A 186 -16.91 -23.85 -4.66
C GLY A 186 -17.45 -24.06 -3.26
N LYS A 187 -18.33 -25.07 -3.13
CA LYS A 187 -18.98 -25.40 -1.85
C LYS A 187 -17.97 -25.66 -0.74
N GLU A 188 -16.82 -26.24 -1.10
CA GLU A 188 -15.79 -26.55 -0.11
C GLU A 188 -15.10 -25.30 0.45
N ASN A 189 -15.25 -24.16 -0.23
CA ASN A 189 -14.55 -22.92 0.14
C ASN A 189 -15.48 -21.80 0.61
N MET A 190 -16.66 -22.16 1.08
CA MET A 190 -17.71 -21.20 1.39
C MET A 190 -17.40 -20.25 2.55
N LEU A 191 -16.50 -20.64 3.44
CA LEU A 191 -16.07 -19.74 4.53
C LEU A 191 -15.49 -18.43 4.01
N LYS A 192 -15.03 -18.43 2.77
CA LYS A 192 -14.56 -17.21 2.11
C LYS A 192 -15.62 -16.10 2.05
N THR A 193 -16.89 -16.50 2.05
CA THR A 193 -17.99 -15.52 1.97
C THR A 193 -18.34 -14.91 3.33
N SER A 194 -17.76 -15.43 4.41
CA SER A 194 -18.11 -14.99 5.75
C SER A 194 -16.92 -14.65 6.64
N VAL A 195 -15.72 -15.09 6.24
CA VAL A 195 -14.49 -14.76 6.97
C VAL A 195 -13.53 -13.99 6.05
N SER A 196 -12.98 -12.89 6.53
CA SER A 196 -12.11 -12.05 5.69
C SER A 196 -10.82 -12.76 5.27
N ARG A 197 -10.36 -12.44 4.07
CA ARG A 197 -9.06 -12.90 3.62
C ARG A 197 -7.96 -12.58 4.67
N PHE A 198 -8.03 -11.37 5.26
CA PHE A 198 -7.04 -10.92 6.24
C PHE A 198 -7.04 -11.83 7.47
N LYS A 199 -8.23 -12.14 7.99
CA LYS A 199 -8.34 -13.03 9.16
C LYS A 199 -7.81 -14.44 8.86
N MET A 200 -8.19 -14.97 7.71
CA MET A 200 -7.76 -16.31 7.33
C MET A 200 -6.24 -16.34 7.19
N HIS A 201 -5.69 -15.31 6.55
CA HIS A 201 -4.24 -15.19 6.36
C HIS A 201 -3.47 -15.07 7.65
N GLN A 202 -4.04 -14.41 8.64
CA GLN A 202 -3.44 -14.31 9.96
C GLN A 202 -3.21 -15.71 10.59
N LEU A 203 -4.18 -16.59 10.38
CA LEU A 203 -4.06 -17.97 10.87
C LEU A 203 -2.86 -18.70 10.26
N LEU A 204 -2.68 -18.55 8.94
CA LEU A 204 -1.56 -19.16 8.24
C LEU A 204 -0.22 -18.57 8.68
N LYS A 205 -0.17 -17.24 8.83
CA LYS A 205 1.01 -16.55 9.33
C LYS A 205 1.37 -17.02 10.75
N LEU A 206 0.35 -17.28 11.55
CA LEU A 206 0.52 -17.69 12.94
C LEU A 206 1.09 -19.10 12.99
N GLU A 207 0.57 -19.99 12.13
CA GLU A 207 1.11 -21.35 11.99
C GLU A 207 2.55 -21.34 11.48
N TYR A 208 2.83 -20.52 10.48
CA TYR A 208 4.18 -20.34 9.97
C TYR A 208 5.04 -19.42 10.87
N ILE A 209 4.56 -19.15 12.09
CA ILE A 209 5.24 -18.26 13.06
C ILE A 209 5.84 -16.96 12.47
N GLU A 210 5.16 -16.36 11.49
CA GLU A 210 5.62 -15.12 10.86
C GLU A 210 5.15 -13.89 11.64
N ILE A 211 4.26 -14.13 12.61
CA ILE A 211 3.74 -13.12 13.51
C ILE A 211 3.72 -13.76 14.89
N SER A 212 3.96 -12.97 15.92
CA SER A 212 3.91 -13.46 17.31
C SER A 212 2.50 -13.75 17.81
N GLU A 213 1.51 -13.11 17.20
CA GLU A 213 0.11 -13.37 17.52
C GLU A 213 -0.81 -12.79 16.48
N GLU A 214 -2.03 -13.31 16.46
CA GLU A 214 -3.05 -12.88 15.54
C GLU A 214 -3.36 -11.40 15.78
N SER A 215 -3.43 -10.62 14.71
CA SER A 215 -3.77 -9.21 14.85
C SER A 215 -5.20 -9.06 15.33
N GLU A 216 -5.45 -8.00 16.09
CA GLU A 216 -6.78 -7.63 16.54
C GLU A 216 -7.54 -6.89 15.44
N TYR A 217 -6.82 -6.47 14.41
CA TYR A 217 -7.37 -5.65 13.34
C TYR A 217 -8.26 -6.43 12.39
N ASP A 218 -9.43 -5.88 12.13
CA ASP A 218 -10.34 -6.45 11.17
C ASP A 218 -10.64 -5.38 10.12
N PRO A 219 -10.22 -5.61 8.85
CA PRO A 219 -10.49 -4.61 7.81
C PRO A 219 -11.97 -4.36 7.59
N LEU A 220 -12.81 -5.33 7.89
CA LEU A 220 -14.26 -5.15 7.77
C LEU A 220 -14.78 -4.07 8.72
N ASP A 221 -14.13 -3.90 9.87
CA ASP A 221 -14.42 -2.77 10.76
C ASP A 221 -13.98 -1.44 10.13
N LEU A 222 -12.76 -1.40 9.62
CA LEU A 222 -12.21 -0.14 9.11
C LEU A 222 -13.05 0.42 7.94
N PHE A 223 -13.54 -0.49 7.10
CA PHE A 223 -14.34 -0.13 5.92
C PHE A 223 -15.83 -0.21 6.18
N SER A 224 -16.27 -0.35 7.43
CA SER A 224 -17.70 -0.63 7.74
C SER A 224 -18.69 0.51 7.50
N GLY A 225 -18.20 1.75 7.51
CA GLY A 225 -19.09 2.91 7.40
C GLY A 225 -19.61 3.34 8.76
N SER A 226 -19.14 2.66 9.81
CA SER A 226 -19.57 2.92 11.18
C SER A 226 -18.42 3.53 11.99
N LYS A 227 -18.66 4.71 12.56
CA LYS A 227 -17.61 5.42 13.29
C LYS A 227 -17.06 4.63 14.47
N GLU A 228 -17.94 3.90 15.19
CA GLU A 228 -17.52 3.06 16.30
C GLU A 228 -16.59 1.94 15.84
N ARG A 229 -16.92 1.32 14.71
CA ARG A 229 -16.12 0.21 14.21
C ARG A 229 -14.80 0.72 13.63
N VAL A 230 -14.82 1.90 13.04
CA VAL A 230 -13.57 2.56 12.61
C VAL A 230 -12.64 2.78 13.80
N LEU A 231 -13.19 3.32 14.90
CA LEU A 231 -12.41 3.48 16.12
C LEU A 231 -11.83 2.15 16.64
N GLU A 232 -12.65 1.11 16.64
N GLU A 232 -12.65 1.10 16.65
CA GLU A 232 -12.22 -0.24 17.03
CA GLU A 232 -12.18 -0.23 17.06
C GLU A 232 -11.02 -0.69 16.21
C GLU A 232 -11.00 -0.70 16.21
N ALA A 233 -11.09 -0.49 14.89
CA ALA A 233 -10.02 -0.87 13.97
C ALA A 233 -8.73 -0.09 14.29
N ILE A 234 -8.87 1.20 14.53
CA ILE A 234 -7.73 2.04 14.88
C ILE A 234 -7.08 1.57 16.20
N LYS A 235 -7.91 1.29 17.19
CA LYS A 235 -7.38 0.81 18.48
C LYS A 235 -6.64 -0.52 18.31
N ALA A 236 -7.20 -1.38 17.45
CA ALA A 236 -6.62 -2.69 17.15
C ALA A 236 -5.28 -2.56 16.43
N LEU A 237 -5.21 -1.67 15.45
CA LEU A 237 -3.98 -1.42 14.70
C LEU A 237 -2.86 -0.90 15.60
N TYR A 238 -3.23 -0.04 16.54
CA TYR A 238 -2.31 0.45 17.55
C TYR A 238 -1.76 -0.69 18.41
N SER A 239 -2.63 -1.61 18.84
CA SER A 239 -2.26 -2.71 19.73
C SER A 239 -1.31 -3.69 19.09
N THR A 240 -1.66 -4.11 17.87
CA THR A 240 -0.87 -5.08 17.13
C THR A 240 -0.56 -4.50 15.76
N PRO A 241 0.47 -3.64 15.64
CA PRO A 241 0.65 -2.96 14.34
C PRO A 241 1.05 -3.88 13.18
N GLN A 242 1.83 -4.93 13.47
CA GLN A 242 2.44 -5.77 12.42
C GLN A 242 3.01 -4.86 11.31
N ASN A 243 2.69 -5.09 10.05
CA ASN A 243 3.03 -4.12 8.98
C ASN A 243 1.85 -3.31 8.47
N ASN A 244 0.80 -3.19 9.29
CA ASN A 244 -0.41 -2.48 8.88
C ASN A 244 -0.52 -1.07 9.41
N PHE A 245 0.27 -0.73 10.43
CA PHE A 245 0.14 0.55 11.11
C PHE A 245 1.52 1.04 11.53
N ARG A 246 1.79 2.29 11.21
CA ARG A 246 2.98 2.99 11.65
C ARG A 246 2.68 4.44 11.87
N VAL A 247 3.47 5.08 12.69
CA VAL A 247 3.24 6.49 13.00
C VAL A 247 4.61 7.19 12.91
N PHE A 248 4.62 8.38 12.32
CA PHE A 248 5.83 9.19 12.16
C PHE A 248 5.69 10.52 12.90
N LEU A 249 6.77 10.95 13.55
CA LEU A 249 6.87 12.29 14.14
C LEU A 249 7.91 13.03 13.32
N ASN A 250 7.46 14.08 12.63
CA ASN A 250 8.31 14.79 11.67
C ASN A 250 9.14 13.85 10.80
N GLY A 251 8.48 12.82 10.28
CA GLY A 251 9.11 11.88 9.35
C GLY A 251 9.93 10.79 10.00
N SER A 252 9.90 10.73 11.33
CA SER A 252 10.67 9.75 12.10
C SER A 252 9.72 8.76 12.76
N LEU A 253 9.96 7.46 12.59
CA LEU A 253 9.12 6.40 13.20
C LEU A 253 8.98 6.46 14.70
N ILE A 254 7.76 6.51 15.20
CA ILE A 254 7.54 6.48 16.65
C ILE A 254 6.60 5.36 17.05
N LEU A 255 6.06 4.66 16.04
CA LEU A 255 5.32 3.41 16.28
C LEU A 255 5.30 2.53 15.02
N GLY A 256 5.42 1.21 15.22
CA GLY A 256 5.45 0.24 14.11
C GLY A 256 6.73 0.32 13.28
N GLY A 257 6.72 -0.29 12.09
CA GLY A 257 7.84 -0.13 11.16
C GLY A 257 8.85 -1.26 11.04
N SER A 258 8.68 -2.31 11.83
CA SER A 258 9.61 -3.44 11.79
C SER A 258 9.14 -4.66 10.99
N GLY A 259 8.26 -4.44 10.02
CA GLY A 259 7.68 -5.53 9.23
C GLY A 259 6.58 -6.21 10.02
N GLU A 260 5.99 -7.25 9.47
CA GLU A 260 4.86 -7.91 10.12
C GLU A 260 5.30 -8.61 11.40
N SER A 261 6.61 -8.74 11.52
CA SER A 261 7.26 -9.24 12.72
C SER A 261 7.21 -8.22 13.90
N THR A 262 6.93 -6.94 13.62
CA THR A 262 6.78 -5.90 14.67
C THR A 262 6.10 -6.48 15.93
N GLY A 263 6.72 -6.26 17.09
CA GLY A 263 6.10 -6.62 18.37
C GLY A 263 4.80 -5.86 18.65
N ARG A 264 3.85 -6.58 19.27
CA ARG A 264 2.63 -5.98 19.83
C ARG A 264 3.02 -4.94 20.87
N THR A 265 2.32 -3.80 20.86
CA THR A 265 2.61 -2.66 21.71
C THR A 265 2.64 -3.03 23.18
N SER A 266 3.82 -3.00 23.76
CA SER A 266 4.03 -3.30 25.17
C SER A 266 3.87 -2.04 26.01
N PRO A 267 3.88 -2.18 27.36
CA PRO A 267 3.93 -0.99 28.21
C PRO A 267 5.05 -0.03 27.82
N GLU A 268 6.26 -0.55 27.60
CA GLU A 268 7.42 0.27 27.27
C GLU A 268 7.22 1.04 25.96
N ILE A 269 6.83 0.34 24.91
CA ILE A 269 6.50 0.98 23.64
C ILE A 269 5.36 1.98 23.80
N GLY A 270 4.30 1.55 24.46
CA GLY A 270 3.15 2.43 24.71
C GLY A 270 3.50 3.68 25.47
N TYR A 271 4.36 3.57 26.47
CA TYR A 271 4.80 4.71 27.27
C TYR A 271 5.61 5.71 26.45
N ALA A 272 6.58 5.22 25.67
CA ALA A 272 7.39 6.09 24.81
C ALA A 272 6.51 6.84 23.79
N PHE A 273 5.55 6.13 23.20
CA PHE A 273 4.61 6.72 22.24
C PHE A 273 3.78 7.83 22.86
N GLU A 274 3.28 7.58 24.07
CA GLU A 274 2.50 8.59 24.79
C GLU A 274 3.35 9.87 24.99
N ASP A 275 4.62 9.70 25.34
CA ASP A 275 5.52 10.86 25.44
C ASP A 275 5.89 11.49 24.09
N ALA A 276 5.96 10.68 23.05
CA ALA A 276 6.18 11.23 21.71
C ALA A 276 5.06 12.17 21.26
N LEU A 277 3.85 11.96 21.78
CA LEU A 277 2.69 12.81 21.44
C LEU A 277 2.63 14.17 22.17
N LYS A 278 3.56 14.39 23.11
CA LYS A 278 3.55 15.59 23.94
C LYS A 278 3.69 16.84 23.07
N GLY A 279 2.91 17.86 23.39
CA GLY A 279 2.86 19.01 22.51
C GLY A 279 1.85 18.85 21.38
N PHE A 280 1.98 17.78 20.57
CA PHE A 280 1.02 17.53 19.47
C PHE A 280 -0.42 17.50 20.00
N ILE A 281 -0.71 16.58 20.92
CA ILE A 281 -1.98 16.56 21.61
C ILE A 281 -1.80 17.28 22.95
N GLN A 282 -2.62 18.28 23.21
CA GLN A 282 -2.56 19.03 24.47
C GLN A 282 -3.46 18.30 25.45
N SER A 283 -2.89 17.32 26.12
CA SER A 283 -3.62 16.54 27.09
C SER A 283 -2.61 16.13 28.15
N GLU A 284 -3.07 15.84 29.35
CA GLU A 284 -2.17 15.47 30.44
C GLU A 284 -1.47 14.14 30.16
N ASP A 285 -0.32 13.92 30.82
CA ASP A 285 0.44 12.68 30.64
C ASP A 285 -0.43 11.46 30.89
N GLY A 286 -0.38 10.50 29.96
CA GLY A 286 -1.21 9.31 30.03
C GLY A 286 -2.49 9.36 29.20
N HIS A 287 -2.95 10.58 28.89
CA HIS A 287 -4.24 10.75 28.18
C HIS A 287 -4.15 11.05 26.68
N ARG A 288 -2.95 11.29 26.16
CA ARG A 288 -2.78 11.71 24.75
C ARG A 288 -3.07 10.59 23.76
N THR A 289 -2.63 9.37 24.09
CA THR A 289 -2.86 8.20 23.26
C THR A 289 -4.33 8.00 22.88
N GLU A 290 -5.23 8.08 23.85
CA GLU A 290 -6.66 7.94 23.60
C GLU A 290 -7.16 9.07 22.66
N CYS A 291 -6.75 10.30 22.95
CA CYS A 291 -7.06 11.44 22.07
C CYS A 291 -6.54 11.23 20.64
N PHE A 292 -5.29 10.77 20.52
CA PHE A 292 -4.67 10.52 19.22
C PHE A 292 -5.44 9.47 18.40
N LEU A 293 -5.85 8.39 19.06
CA LEU A 293 -6.59 7.31 18.39
C LEU A 293 -7.96 7.78 17.93
N GLN A 294 -8.61 8.59 18.74
CA GLN A 294 -9.87 9.23 18.37
C GLN A 294 -9.70 10.16 17.15
N LEU A 295 -8.64 10.94 17.18
CA LEU A 295 -8.30 11.86 16.06
C LEU A 295 -8.12 11.11 14.73
N VAL A 296 -7.32 10.05 14.75
CA VAL A 296 -7.07 9.25 13.55
C VAL A 296 -8.39 8.70 13.03
N SER A 297 -9.17 8.16 13.96
CA SER A 297 -10.49 7.62 13.68
C SER A 297 -11.43 8.64 13.02
N ASP A 298 -11.47 9.85 13.57
CA ASP A 298 -12.31 10.93 13.03
C ASP A 298 -11.83 11.35 11.64
N ALA A 299 -10.51 11.38 11.43
CA ALA A 299 -9.95 11.78 10.15
C ALA A 299 -10.28 10.74 9.10
N VAL A 300 -10.06 9.47 9.45
CA VAL A 300 -10.36 8.34 8.57
C VAL A 300 -11.84 8.34 8.17
N TYR A 301 -12.72 8.43 9.15
CA TYR A 301 -14.16 8.40 8.91
C TYR A 301 -14.63 9.66 8.18
N GLY A 302 -14.19 10.82 8.67
CA GLY A 302 -14.58 12.11 8.08
C GLY A 302 -14.20 12.29 6.62
N SER A 303 -12.99 11.85 6.25
CA SER A 303 -12.48 12.03 4.89
C SER A 303 -13.27 11.24 3.82
N GLY A 304 -13.87 10.12 4.22
CA GLY A 304 -14.60 9.25 3.30
C GLY A 304 -13.70 8.52 2.33
N VAL A 305 -12.39 8.72 2.50
CA VAL A 305 -11.39 8.19 1.58
C VAL A 305 -11.45 6.65 1.40
N LEU A 306 -11.81 5.96 2.46
CA LEU A 306 -11.93 4.51 2.41
C LEU A 306 -13.14 4.02 1.59
N ASP A 307 -14.20 4.82 1.52
CA ASP A 307 -15.37 4.47 0.72
C ASP A 307 -14.96 4.32 -0.74
N ARG A 308 -14.28 5.32 -1.27
CA ARG A 308 -13.79 5.25 -2.63
C ARG A 308 -12.79 4.12 -2.90
N LEU A 309 -11.89 3.86 -1.96
CA LEU A 309 -10.95 2.74 -2.11
C LEU A 309 -11.68 1.40 -2.17
N LEU A 310 -12.65 1.23 -1.26
CA LEU A 310 -13.46 0.03 -1.21
C LEU A 310 -14.16 -0.26 -2.55
N GLU A 311 -14.68 0.77 -3.21
CA GLU A 311 -15.31 0.61 -4.52
C GLU A 311 -14.34 0.09 -5.59
N ILE A 312 -13.07 0.49 -5.53
CA ILE A 312 -12.07 -0.02 -6.47
C ILE A 312 -11.66 -1.45 -6.11
N GLN A 313 -11.57 -1.74 -4.81
CA GLN A 313 -11.30 -3.12 -4.38
C GLN A 313 -12.42 -4.04 -4.91
N LYS A 314 -13.64 -3.51 -4.93
CA LYS A 314 -14.82 -4.26 -5.42
C LYS A 314 -14.85 -4.48 -6.94
N LEU A 315 -13.89 -3.90 -7.67
CA LEU A 315 -13.66 -4.26 -9.07
C LEU A 315 -13.25 -5.75 -9.24
N ASP A 316 -12.80 -6.39 -8.15
CA ASP A 316 -12.66 -7.85 -8.09
C ASP A 316 -14.06 -8.46 -8.01
N LYS A 317 -14.67 -8.66 -9.16
CA LYS A 317 -16.06 -9.07 -9.20
C LYS A 317 -16.29 -10.57 -8.99
N LEU A 318 -15.30 -11.38 -9.35
CA LEU A 318 -15.49 -12.83 -9.42
C LEU A 318 -14.85 -13.59 -8.29
N ASP A 319 -13.95 -12.92 -7.56
CA ASP A 319 -12.94 -13.55 -6.70
C ASP A 319 -11.87 -14.18 -7.59
N ILE A 320 -10.66 -14.35 -7.07
CA ILE A 320 -9.62 -15.00 -7.84
C ILE A 320 -10.07 -16.40 -8.35
N GLU A 321 -10.88 -17.11 -7.56
CA GLU A 321 -11.38 -18.44 -7.96
C GLU A 321 -12.17 -18.40 -9.26
N GLY A 322 -12.82 -17.28 -9.52
CA GLY A 322 -13.52 -17.05 -10.78
C GLY A 322 -12.58 -16.49 -11.83
N ALA A 323 -11.86 -15.43 -11.46
CA ALA A 323 -11.04 -14.65 -12.43
C ALA A 323 -9.90 -15.45 -13.06
N ILE A 324 -9.41 -16.47 -12.36
CA ILE A 324 -8.31 -17.28 -12.86
C ILE A 324 -8.68 -17.96 -14.19
N HIS A 325 -9.95 -18.30 -14.36
CA HIS A 325 -10.44 -18.91 -15.60
C HIS A 325 -10.40 -17.94 -16.74
N CYS A 326 -10.69 -16.67 -16.46
CA CYS A 326 -10.60 -15.63 -17.47
C CYS A 326 -9.14 -15.40 -17.84
N TYR A 327 -8.25 -15.52 -16.86
CA TYR A 327 -6.82 -15.40 -17.08
C TYR A 327 -6.33 -16.37 -18.16
N TYR A 328 -6.68 -17.65 -18.01
CA TYR A 328 -6.27 -18.67 -18.97
C TYR A 328 -6.77 -18.43 -20.39
N ASP A 329 -8.00 -17.94 -20.50
CA ASP A 329 -8.56 -17.56 -21.80
C ASP A 329 -7.74 -16.43 -22.43
N ILE A 330 -7.38 -15.44 -21.61
CA ILE A 330 -6.58 -14.30 -22.06
C ILE A 330 -5.21 -14.71 -22.60
N ILE A 331 -4.52 -15.59 -21.91
CA ILE A 331 -3.16 -15.96 -22.34
C ILE A 331 -3.21 -17.08 -23.38
N ASN A 332 -4.43 -17.39 -23.81
CA ASN A 332 -4.73 -18.44 -24.78
C ASN A 332 -4.14 -19.81 -24.43
N GLN A 333 -4.39 -20.24 -23.20
CA GLN A 333 -3.98 -21.57 -22.74
C GLN A 333 -5.21 -22.38 -22.38
N PRO A 334 -5.10 -23.73 -22.50
CA PRO A 334 -6.11 -24.57 -21.87
C PRO A 334 -6.07 -24.36 -20.36
N CYS A 335 -7.24 -24.29 -19.76
CA CYS A 335 -7.35 -23.97 -18.35
C CYS A 335 -7.08 -25.20 -17.47
N PRO A 336 -6.06 -25.12 -16.58
CA PRO A 336 -5.77 -26.26 -15.68
C PRO A 336 -6.70 -26.34 -14.48
N ILE A 337 -7.42 -25.24 -14.20
CA ILE A 337 -8.37 -25.22 -13.09
C ILE A 337 -9.52 -26.21 -13.34
N CYS A 338 -10.09 -25.99 -14.50
CA CYS A 338 -11.08 -26.82 -15.13
C CYS A 338 -10.63 -28.27 -15.26
N ARG A 339 -9.36 -28.56 -15.38
CA ARG A 339 -8.99 -29.98 -15.33
C ARG A 339 -8.98 -30.67 -13.94
N GLU A 340 -9.03 -29.89 -12.87
CA GLU A 340 -8.64 -30.21 -11.52
C GLU A 340 -9.69 -31.22 -11.10
N GLY A 341 -10.93 -30.94 -11.43
CA GLY A 341 -12.06 -31.84 -11.25
C GLY A 341 -13.20 -31.47 -12.17
N ARG A 342 -14.42 -31.67 -11.65
CA ARG A 342 -15.66 -31.31 -12.33
C ARG A 342 -15.92 -29.79 -12.24
N PRO A 343 -15.86 -29.08 -13.38
CA PRO A 343 -16.01 -27.61 -13.38
C PRO A 343 -17.45 -27.16 -13.05
N LEU A 344 -17.58 -26.06 -12.30
CA LEU A 344 -18.90 -25.45 -12.05
C LEU A 344 -19.50 -24.92 -13.36
N GLU A 345 -20.83 -24.83 -13.42
CA GLU A 345 -21.48 -24.18 -14.56
C GLU A 345 -21.06 -22.72 -14.62
N ALA A 346 -20.95 -22.11 -13.44
CA ALA A 346 -20.43 -20.76 -13.27
C ALA A 346 -19.12 -20.57 -14.05
N GLU A 347 -18.20 -21.52 -13.89
CA GLU A 347 -16.88 -21.47 -14.54
C GLU A 347 -16.97 -21.62 -16.05
N LEU A 348 -17.79 -22.56 -16.50
CA LEU A 348 -18.01 -22.80 -17.93
C LEU A 348 -18.58 -21.56 -18.61
N SER A 349 -19.54 -20.92 -17.96
CA SER A 349 -20.09 -19.68 -18.50
C SER A 349 -19.00 -18.61 -18.64
N LEU A 350 -18.02 -18.58 -17.73
CA LEU A 350 -16.91 -17.62 -17.84
C LEU A 350 -16.11 -17.88 -19.11
N HIS A 351 -15.78 -19.15 -19.37
CA HIS A 351 -15.05 -19.51 -20.59
C HIS A 351 -15.83 -19.23 -21.85
N ALA A 352 -17.15 -19.21 -21.73
CA ALA A 352 -18.06 -18.85 -22.82
C ALA A 352 -18.03 -17.36 -23.16
N LEU A 353 -17.50 -16.54 -22.24
CA LEU A 353 -17.50 -15.08 -22.41
C LEU A 353 -16.80 -14.62 -23.68
N PRO A 354 -17.32 -13.55 -24.32
CA PRO A 354 -16.54 -12.94 -25.40
C PRO A 354 -15.20 -12.43 -24.83
N LEU A 355 -14.15 -12.52 -25.64
CA LEU A 355 -12.79 -12.21 -25.22
C LEU A 355 -12.63 -10.80 -24.66
N ASP A 356 -13.44 -9.87 -25.16
CA ASP A 356 -13.46 -8.50 -24.66
C ASP A 356 -13.91 -8.39 -23.21
N GLU A 357 -14.88 -9.21 -22.82
CA GLU A 357 -15.34 -9.24 -21.44
C GLU A 357 -14.32 -9.92 -20.50
N SER A 358 -13.70 -11.01 -20.96
CA SER A 358 -12.62 -11.66 -20.21
C SER A 358 -11.46 -10.69 -19.96
N LEU A 359 -11.05 -9.98 -21.00
CA LEU A 359 -10.01 -8.97 -20.87
C LEU A 359 -10.38 -7.95 -19.80
N LYS A 360 -11.59 -7.38 -19.91
CA LYS A 360 -12.09 -6.39 -18.96
C LYS A 360 -12.12 -6.90 -17.52
N ILE A 361 -12.58 -8.14 -17.33
CA ILE A 361 -12.65 -8.75 -16.00
C ILE A 361 -11.27 -8.83 -15.33
N VAL A 362 -10.29 -9.34 -16.06
CA VAL A 362 -8.94 -9.50 -15.55
C VAL A 362 -8.25 -8.15 -15.27
N LYS A 363 -8.41 -7.21 -16.19
CA LYS A 363 -7.92 -5.85 -15.97
C LYS A 363 -8.47 -5.30 -14.66
N GLU A 364 -9.79 -5.41 -14.50
CA GLU A 364 -10.45 -4.90 -13.29
C GLU A 364 -10.00 -5.63 -12.04
N TYR A 365 -9.70 -6.92 -12.17
CA TYR A 365 -9.13 -7.67 -11.05
C TYR A 365 -7.75 -7.10 -10.64
N LEU A 366 -6.91 -6.77 -11.62
CA LEU A 366 -5.58 -6.25 -11.33
C LEU A 366 -5.61 -4.83 -10.78
N ILE A 367 -6.61 -4.04 -11.19
CA ILE A 367 -6.83 -2.70 -10.63
C ILE A 367 -7.26 -2.86 -9.18
N ALA A 368 -8.20 -3.78 -8.93
CA ALA A 368 -8.64 -4.08 -7.57
C ALA A 368 -7.45 -4.53 -6.68
N ALA A 369 -6.52 -5.30 -7.26
CA ALA A 369 -5.35 -5.75 -6.50
C ALA A 369 -4.46 -4.57 -6.07
N THR A 370 -4.35 -3.56 -6.94
CA THR A 370 -3.69 -2.31 -6.59
C THR A 370 -4.35 -1.66 -5.36
N ALA A 371 -5.68 -1.60 -5.37
CA ALA A 371 -6.47 -1.02 -4.28
C ALA A 371 -6.38 -1.83 -2.99
N LYS A 372 -6.28 -3.15 -3.09
CA LYS A 372 -6.20 -4.00 -1.91
C LYS A 372 -4.84 -3.94 -1.22
N ASP A 373 -3.80 -3.60 -1.99
CA ASP A 373 -2.43 -3.67 -1.50
C ASP A 373 -1.80 -2.31 -1.18
N CYS A 374 -2.55 -1.23 -1.37
CA CYS A 374 -1.98 0.11 -1.20
C CYS A 374 -1.98 0.53 0.27
N SER A 375 -1.41 1.70 0.54
CA SER A 375 -1.46 2.28 1.87
C SER A 375 -2.00 3.70 1.82
N ILE A 376 -2.36 4.20 2.99
N ILE A 376 -2.47 4.20 2.97
CA ILE A 376 -2.89 5.53 3.20
CA ILE A 376 -2.89 5.60 3.11
C ILE A 376 -1.92 6.20 4.16
C ILE A 376 -2.08 6.28 4.21
N MET A 377 -1.58 7.46 3.89
CA MET A 377 -0.80 8.27 4.83
C MET A 377 -1.67 9.45 5.16
N ILE A 378 -1.98 9.61 6.45
CA ILE A 378 -2.74 10.75 6.94
C ILE A 378 -1.79 11.63 7.75
N SER A 379 -1.57 12.86 7.29
CA SER A 379 -0.69 13.74 8.00
C SER A 379 -1.49 14.81 8.73
N PHE A 380 -1.03 15.18 9.92
CA PHE A 380 -1.75 16.14 10.77
C PHE A 380 -0.88 17.33 11.15
N GLN A 381 -1.51 18.50 11.22
CA GLN A 381 -0.86 19.73 11.66
C GLN A 381 -1.81 20.37 12.68
N SER A 382 -1.32 20.51 13.90
CA SER A 382 -2.08 21.21 14.93
C SER A 382 -2.23 22.68 14.54
N ARG A 383 -3.42 23.23 14.78
CA ARG A 383 -3.65 24.66 14.57
C ARG A 383 -3.48 25.42 15.88
N ASN A 384 -2.91 26.60 15.80
CA ASN A 384 -2.85 27.47 16.96
C ASN A 384 -4.24 28.08 17.15
N ALA A 385 -4.60 28.35 18.40
CA ALA A 385 -5.85 29.04 18.68
C ALA A 385 -5.91 30.43 18.01
N TRP A 386 -4.75 30.96 17.63
CA TRP A 386 -4.67 32.26 16.98
C TRP A 386 -4.47 32.17 15.50
N ASP A 387 -4.82 31.03 14.92
CA ASP A 387 -4.89 30.88 13.48
C ASP A 387 -6.30 31.17 13.03
N SER A 388 -6.47 31.56 11.77
CA SER A 388 -7.81 31.71 11.20
C SER A 388 -8.49 30.35 11.11
N GLU A 389 -9.74 30.33 10.63
CA GLU A 389 -10.46 29.08 10.40
C GLU A 389 -9.75 28.16 9.40
N PRO A 390 -9.91 26.82 9.54
CA PRO A 390 -9.15 25.89 8.68
C PRO A 390 -9.55 25.95 7.21
N GLY A 392 -9.11 23.81 4.60
CA GLY A 392 -9.42 22.51 4.01
C GLY A 392 -10.07 21.57 5.02
N ASP A 393 -9.59 20.33 5.06
CA ASP A 393 -10.19 19.31 5.93
C ASP A 393 -9.57 19.34 7.30
N TYR A 394 -10.40 19.12 8.31
CA TYR A 394 -9.91 19.22 9.67
C TYR A 394 -10.74 18.38 10.65
N VAL A 395 -10.14 18.08 11.79
CA VAL A 395 -10.84 17.45 12.90
C VAL A 395 -10.74 18.34 14.14
N SER A 396 -11.87 18.54 14.80
CA SER A 396 -11.91 19.23 16.08
C SER A 396 -12.03 18.21 17.18
N LEU A 397 -11.03 18.13 18.05
CA LEU A 397 -11.09 17.34 19.27
C LEU A 397 -11.64 18.16 20.42
N LYS A 398 -12.87 17.88 20.84
CA LYS A 398 -13.47 18.61 21.98
C LYS A 398 -12.70 18.37 23.28
N PRO A 399 -12.36 17.09 23.59
CA PRO A 399 -11.63 16.76 24.83
C PRO A 399 -10.34 17.55 25.11
N THR A 400 -9.72 18.11 24.07
CA THR A 400 -8.58 19.03 24.25
C THR A 400 -8.85 20.42 23.65
N ASN A 401 -10.02 20.58 23.03
CA ASN A 401 -10.38 21.80 22.28
C ASN A 401 -9.28 22.25 21.32
N GLN A 402 -8.81 21.29 20.53
CA GLN A 402 -7.76 21.51 19.56
C GLN A 402 -8.34 21.23 18.19
N THR A 403 -7.84 21.95 17.19
CA THR A 403 -8.21 21.71 15.81
C THR A 403 -6.98 21.24 15.04
N PHE A 404 -7.16 20.22 14.21
CA PHE A 404 -6.07 19.69 13.42
C PHE A 404 -6.44 19.70 11.95
N ASP A 405 -5.65 20.37 11.12
CA ASP A 405 -5.77 20.17 9.68
C ASP A 405 -5.22 18.77 9.40
N TYR A 406 -5.75 18.12 8.36
CA TYR A 406 -5.19 16.86 7.91
C TYR A 406 -5.25 16.71 6.42
N LYS A 407 -4.35 15.88 5.90
CA LYS A 407 -4.33 15.49 4.50
C LYS A 407 -4.23 13.97 4.43
N VAL A 408 -4.87 13.40 3.42
CA VAL A 408 -4.82 11.96 3.20
C VAL A 408 -4.24 11.71 1.83
N HIS A 409 -3.20 10.86 1.74
CA HIS A 409 -2.69 10.42 0.43
C HIS A 409 -2.58 8.93 0.34
N PHE A 410 -2.99 8.38 -0.79
CA PHE A 410 -2.74 6.98 -1.11
C PHE A 410 -1.32 6.85 -1.60
N ILE A 411 -0.60 5.88 -1.06
CA ILE A 411 0.72 5.53 -1.58
C ILE A 411 0.74 4.08 -2.01
N ASP A 412 1.81 3.72 -2.74
CA ASP A 412 2.09 2.33 -3.09
C ASP A 412 0.99 1.80 -4.00
N LEU A 413 0.75 2.52 -5.08
CA LEU A 413 -0.31 2.19 -6.00
C LEU A 413 0.31 1.64 -7.27
N SER A 414 0.73 0.39 -7.22
CA SER A 414 1.51 -0.16 -8.30
C SER A 414 0.70 -1.06 -9.23
N LEU A 415 1.13 -1.07 -10.49
CA LEU A 415 0.57 -1.96 -11.50
C LEU A 415 0.99 -3.39 -11.19
N LYS A 416 0.02 -4.30 -11.15
CA LYS A 416 0.31 -5.70 -10.86
C LYS A 416 0.52 -6.48 -12.17
N PRO A 417 1.62 -7.24 -12.26
CA PRO A 417 1.91 -8.05 -13.44
C PRO A 417 0.82 -9.09 -13.70
N LEU A 418 0.44 -9.27 -14.97
CA LEU A 418 -0.58 -10.27 -15.35
C LEU A 418 -0.28 -11.69 -14.82
N LYS A 419 0.96 -12.13 -14.93
CA LYS A 419 1.37 -13.50 -14.50
C LYS A 419 1.14 -13.76 -13.02
N ARG A 420 1.05 -12.69 -12.22
CA ARG A 420 0.78 -12.83 -10.81
C ARG A 420 -0.59 -13.47 -10.51
N MET A 421 -1.53 -13.41 -11.46
CA MET A 421 -2.80 -14.15 -11.35
C MET A 421 -2.59 -15.59 -10.89
N GLU A 422 -1.49 -16.22 -11.36
CA GLU A 422 -1.13 -17.59 -10.98
C GLU A 422 -0.72 -17.73 -9.52
N SER A 423 0.08 -16.79 -9.05
CA SER A 423 0.48 -16.73 -7.65
C SER A 423 -0.69 -16.40 -6.74
N TYR A 424 -1.54 -15.47 -7.18
CA TYR A 424 -2.74 -15.11 -6.42
C TYR A 424 -3.63 -16.31 -6.24
N TYR A 425 -3.81 -17.09 -7.32
CA TYR A 425 -4.62 -18.31 -7.23
C TYR A 425 -4.05 -19.34 -6.27
N LYS A 426 -2.76 -19.65 -6.42
N LYS A 426 -2.76 -19.63 -6.42
CA LYS A 426 -2.05 -20.59 -5.54
CA LYS A 426 -2.04 -20.58 -5.56
C LYS A 426 -2.17 -20.19 -4.06
C LYS A 426 -2.11 -20.20 -4.08
N LEU A 427 -1.87 -18.92 -3.78
CA LEU A 427 -1.95 -18.40 -2.39
C LEU A 427 -3.37 -18.54 -1.80
N ASP A 428 -4.38 -18.13 -2.56
CA ASP A 428 -5.77 -18.27 -2.14
C ASP A 428 -6.12 -19.72 -1.79
N LYS A 429 -5.76 -20.63 -2.70
CA LYS A 429 -5.92 -22.08 -2.54
C LYS A 429 -5.31 -22.58 -1.21
N LYS A 430 -4.08 -22.16 -0.94
CA LYS A 430 -3.39 -22.52 0.31
C LYS A 430 -4.06 -21.95 1.57
N ILE A 431 -4.47 -20.68 1.52
CA ILE A 431 -5.13 -20.04 2.67
C ILE A 431 -6.46 -20.70 3.03
N ILE A 432 -7.32 -20.93 2.03
CA ILE A 432 -8.61 -21.55 2.29
C ILE A 432 -8.46 -23.02 2.68
N SER A 433 -7.52 -23.73 2.04
CA SER A 433 -7.21 -25.11 2.42
C SER A 433 -6.78 -25.17 3.88
N PHE A 434 -5.88 -24.28 4.27
CA PHE A 434 -5.39 -24.26 5.65
C PHE A 434 -6.50 -23.92 6.64
N TYR A 435 -7.26 -22.87 6.33
CA TYR A 435 -8.32 -22.41 7.21
C TYR A 435 -9.39 -23.49 7.40
N ASN A 436 -9.77 -24.16 6.31
CA ASN A 436 -10.76 -25.24 6.35
C ASN A 436 -10.38 -26.38 7.29
N ARG A 437 -9.12 -26.80 7.25
CA ARG A 437 -8.72 -27.94 8.09
C ARG A 437 -8.54 -27.53 9.55
N LYS A 438 -8.24 -26.25 9.79
CA LYS A 438 -8.20 -25.70 11.15
C LYS A 438 -9.59 -25.58 11.81
N GLN A 439 -10.66 -25.69 11.03
CA GLN A 439 -12.02 -25.70 11.59
C GLN A 439 -12.45 -27.12 11.95
#